data_4WNY
#
_entry.id   4WNY
#
_cell.length_a   79.260
_cell.length_b   79.260
_cell.length_c   39.640
_cell.angle_alpha   90.000
_cell.angle_beta   90.000
_cell.angle_gamma   120.000
#
_symmetry.space_group_name_H-M   'P 31 2 1'
#
loop_
_entity.id
_entity.type
_entity.pdbx_description
1 polymer 'Universal stress protein'
2 water water
#
_entity_poly.entity_id   1
_entity_poly.type   'polypeptide(L)'
_entity_poly.pdbx_seq_one_letter_code
;GPGSMYSIILVALDGSQTASHALDAALELAADAHARLVPVYVVDMPVFAFDTPGYDPSILVDAFREEGRRVLDDAQARMT
RRGVAGAPRLVEVEPPGEDVAERLERAAREIGASLIVMGTHGRRGVRRLMLGSVAERLLRHARCPVLMIPARGAPAADAN
ATHPTETA
;
_entity_poly.pdbx_strand_id   A
#
# COMPACT_ATOMS: atom_id res chain seq x y z
N PRO A 2 -21.70 8.33 4.16
CA PRO A 2 -20.75 7.56 4.98
C PRO A 2 -19.82 8.47 5.79
N GLY A 3 -19.48 8.03 7.00
CA GLY A 3 -18.65 8.81 7.90
C GLY A 3 -17.23 8.94 7.41
N SER A 4 -16.41 9.66 8.17
CA SER A 4 -15.01 9.92 7.80
C SER A 4 -14.04 8.93 8.43
N MET A 5 -14.56 8.09 9.32
CA MET A 5 -13.74 7.09 10.00
C MET A 5 -13.13 6.11 9.00
N TYR A 6 -13.79 5.97 7.85
CA TYR A 6 -13.30 5.10 6.79
C TYR A 6 -13.32 5.82 5.46
N SER A 7 -13.18 7.14 5.48
CA SER A 7 -13.24 7.95 4.26
C SER A 7 -12.09 7.67 3.31
N ILE A 8 -10.90 7.48 3.87
CA ILE A 8 -9.71 7.21 3.06
C ILE A 8 -9.00 5.94 3.50
N ILE A 9 -8.95 4.96 2.60
CA ILE A 9 -8.36 3.66 2.90
C ILE A 9 -7.03 3.46 2.19
N LEU A 10 -6.03 2.99 2.92
CA LEU A 10 -4.72 2.71 2.36
C LEU A 10 -4.49 1.20 2.29
N VAL A 11 -4.03 0.72 1.14
CA VAL A 11 -3.70 -0.70 0.97
C VAL A 11 -2.27 -0.86 0.44
N ALA A 12 -1.48 -1.67 1.12
CA ALA A 12 -0.08 -1.85 0.77
C ALA A 12 0.10 -2.93 -0.30
N LEU A 13 0.72 -2.55 -1.42
CA LEU A 13 0.97 -3.49 -2.51
C LEU A 13 2.46 -3.73 -2.71
N ASP A 14 2.81 -4.92 -3.19
CA ASP A 14 4.20 -5.24 -3.48
C ASP A 14 4.27 -6.15 -4.71
N GLY A 15 3.12 -6.45 -5.30
CA GLY A 15 3.06 -7.25 -6.50
C GLY A 15 2.67 -8.69 -6.25
N SER A 16 2.77 -9.11 -4.99
CA SER A 16 2.48 -10.50 -4.62
C SER A 16 0.99 -10.81 -4.77
N GLN A 17 0.67 -12.08 -4.92
CA GLN A 17 -0.70 -12.55 -5.08
C GLN A 17 -1.58 -12.16 -3.89
N THR A 18 -1.05 -12.30 -2.69
CA THR A 18 -1.82 -12.03 -1.47
C THR A 18 -2.05 -10.53 -1.28
N ALA A 19 -1.11 -9.73 -1.78
CA ALA A 19 -1.28 -8.28 -1.75
C ALA A 19 -2.34 -7.86 -2.76
N SER A 20 -2.35 -8.53 -3.90
CA SER A 20 -3.37 -8.31 -4.92
C SER A 20 -4.74 -8.74 -4.39
N HIS A 21 -4.74 -9.81 -3.61
CA HIS A 21 -5.95 -10.29 -2.95
C HIS A 21 -6.46 -9.25 -1.96
N ALA A 22 -5.51 -8.61 -1.27
CA ALA A 22 -5.85 -7.57 -0.31
C ALA A 22 -6.42 -6.34 -0.99
N LEU A 23 -5.92 -6.06 -2.20
CA LEU A 23 -6.40 -4.94 -2.99
C LEU A 23 -7.86 -5.14 -3.37
N ASP A 24 -8.21 -6.36 -3.77
CA ASP A 24 -9.58 -6.69 -4.14
C ASP A 24 -10.52 -6.53 -2.95
N ALA A 25 -10.01 -6.83 -1.76
CA ALA A 25 -10.78 -6.69 -0.53
C ALA A 25 -10.93 -5.22 -0.15
N ALA A 26 -9.84 -4.47 -0.29
CA ALA A 26 -9.84 -3.05 0.01
C ALA A 26 -10.74 -2.30 -0.97
N LEU A 27 -10.73 -2.74 -2.23
CA LEU A 27 -11.60 -2.15 -3.25
C LEU A 27 -13.06 -2.39 -2.91
N GLU A 28 -13.40 -3.63 -2.59
CA GLU A 28 -14.77 -4.00 -2.24
C GLU A 28 -15.28 -3.20 -1.05
N LEU A 29 -14.39 -2.98 -0.08
CA LEU A 29 -14.72 -2.18 1.08
C LEU A 29 -14.89 -0.71 0.70
N ALA A 30 -14.00 -0.23 -0.14
CA ALA A 30 -14.03 1.16 -0.60
C ALA A 30 -15.31 1.46 -1.37
N ALA A 31 -15.77 0.48 -2.15
CA ALA A 31 -16.98 0.64 -2.95
C ALA A 31 -18.22 0.57 -2.06
N ASP A 32 -18.21 -0.36 -1.11
CA ASP A 32 -19.34 -0.54 -0.20
C ASP A 32 -19.50 0.65 0.74
N ALA A 33 -18.36 1.15 1.24
CA ALA A 33 -18.38 2.26 2.18
C ALA A 33 -18.30 3.61 1.46
N HIS A 34 -18.28 3.56 0.13
CA HIS A 34 -18.18 4.75 -0.70
C HIS A 34 -16.96 5.57 -0.32
N ALA A 35 -15.84 4.88 -0.16
CA ALA A 35 -14.62 5.49 0.37
C ALA A 35 -13.57 5.70 -0.71
N ARG A 36 -12.62 6.58 -0.42
CA ARG A 36 -11.47 6.78 -1.30
C ARG A 36 -10.41 5.74 -1.00
N LEU A 37 -9.85 5.16 -2.06
CA LEU A 37 -8.81 4.15 -1.89
C LEU A 37 -7.46 4.68 -2.35
N VAL A 38 -6.43 4.43 -1.56
CA VAL A 38 -5.08 4.85 -1.91
C VAL A 38 -4.11 3.68 -1.79
N PRO A 39 -3.94 2.93 -2.88
CA PRO A 39 -2.94 1.86 -2.94
C PRO A 39 -1.52 2.42 -2.92
N VAL A 40 -0.64 1.85 -2.10
CA VAL A 40 0.74 2.30 -2.08
C VAL A 40 1.70 1.17 -2.40
N TYR A 41 2.68 1.45 -3.24
CA TYR A 41 3.75 0.51 -3.53
C TYR A 41 5.01 0.95 -2.81
N VAL A 42 5.55 0.09 -1.95
CA VAL A 42 6.69 0.45 -1.13
C VAL A 42 8.01 0.02 -1.77
N VAL A 43 8.82 0.99 -2.14
CA VAL A 43 10.16 0.71 -2.65
C VAL A 43 11.14 0.64 -1.48
N ASP A 44 11.56 -0.58 -1.15
CA ASP A 44 12.42 -0.81 -0.01
C ASP A 44 13.81 -1.24 -0.44
N MET A 45 14.65 -0.25 -0.73
CA MET A 45 16.04 -0.51 -1.09
C MET A 45 16.96 -0.35 0.12
N PHE A 50 22.80 -2.07 -1.56
CA PHE A 50 24.00 -2.50 -0.83
C PHE A 50 25.16 -1.53 -1.06
N ASP A 51 26.03 -1.41 -0.07
CA ASP A 51 27.27 -0.66 -0.25
C ASP A 51 28.42 -1.64 -0.42
N THR A 52 28.83 -1.83 -1.67
CA THR A 52 29.89 -2.78 -2.00
C THR A 52 30.57 -2.38 -3.29
N PRO A 53 31.88 -2.68 -3.42
CA PRO A 53 32.61 -2.37 -4.65
C PRO A 53 31.99 -3.06 -5.87
N GLY A 54 31.69 -2.28 -6.89
CA GLY A 54 31.09 -2.81 -8.11
C GLY A 54 29.57 -2.73 -8.11
N TYR A 55 28.97 -2.97 -6.96
CA TYR A 55 27.51 -2.99 -6.84
C TYR A 55 26.89 -1.63 -7.13
N ASP A 56 25.80 -1.62 -7.90
CA ASP A 56 25.13 -0.39 -8.27
C ASP A 56 23.63 -0.46 -7.93
N PRO A 57 23.24 0.15 -6.80
CA PRO A 57 21.87 0.11 -6.31
C PRO A 57 20.88 0.82 -7.26
N SER A 58 21.39 1.76 -8.06
CA SER A 58 20.54 2.53 -8.96
C SER A 58 19.83 1.67 -9.99
N ILE A 59 20.42 0.52 -10.31
CA ILE A 59 19.81 -0.43 -11.23
C ILE A 59 18.51 -0.98 -10.66
N LEU A 60 18.56 -1.36 -9.39
CA LEU A 60 17.40 -1.93 -8.71
C LEU A 60 16.37 -0.86 -8.32
N VAL A 61 16.85 0.36 -8.08
CA VAL A 61 15.97 1.49 -7.78
C VAL A 61 15.05 1.76 -8.96
N ASP A 62 15.64 1.89 -10.14
CA ASP A 62 14.87 2.06 -11.37
C ASP A 62 13.92 0.89 -11.59
N ALA A 63 14.37 -0.30 -11.22
CA ALA A 63 13.60 -1.51 -11.43
C ALA A 63 12.32 -1.55 -10.62
N PHE A 64 12.45 -1.39 -9.30
CA PHE A 64 11.30 -1.47 -8.41
C PHE A 64 10.37 -0.28 -8.58
N ARG A 65 10.93 0.86 -8.99
CA ARG A 65 10.11 2.01 -9.33
C ARG A 65 9.29 1.71 -10.58
N GLU A 66 9.94 1.09 -11.56
CA GLU A 66 9.27 0.68 -12.79
C GLU A 66 8.22 -0.38 -12.49
N GLU A 67 8.56 -1.31 -11.60
CA GLU A 67 7.62 -2.35 -11.20
C GLU A 67 6.44 -1.72 -10.46
N GLY A 68 6.75 -0.71 -9.65
CA GLY A 68 5.73 0.03 -8.93
C GLY A 68 4.75 0.70 -9.87
N ARG A 69 5.28 1.29 -10.94
CA ARG A 69 4.44 1.93 -11.95
C ARG A 69 3.41 0.95 -12.52
N ARG A 70 3.89 -0.23 -12.91
CA ARG A 70 3.04 -1.26 -13.47
C ARG A 70 1.99 -1.74 -12.47
N VAL A 71 2.42 -1.94 -11.23
CA VAL A 71 1.52 -2.41 -10.16
C VAL A 71 0.47 -1.36 -9.82
N LEU A 72 0.89 -0.11 -9.70
CA LEU A 72 -0.01 0.98 -9.36
C LEU A 72 -0.94 1.33 -10.50
N ASP A 73 -0.49 1.10 -11.73
CA ASP A 73 -1.34 1.34 -12.91
C ASP A 73 -2.46 0.33 -12.95
N ASP A 74 -2.15 -0.91 -12.58
CA ASP A 74 -3.15 -1.97 -12.52
C ASP A 74 -4.16 -1.70 -11.41
N ALA A 75 -3.66 -1.20 -10.28
CA ALA A 75 -4.52 -0.85 -9.16
C ALA A 75 -5.47 0.28 -9.56
N GLN A 76 -4.95 1.26 -10.27
CA GLN A 76 -5.75 2.37 -10.77
C GLN A 76 -6.81 1.88 -11.75
N ALA A 77 -6.43 0.92 -12.60
CA ALA A 77 -7.35 0.34 -13.57
C ALA A 77 -8.51 -0.39 -12.88
N ARG A 78 -8.19 -1.07 -11.78
CA ARG A 78 -9.20 -1.77 -11.00
C ARG A 78 -10.15 -0.78 -10.33
N MET A 79 -9.59 0.30 -9.79
CA MET A 79 -10.37 1.33 -9.14
C MET A 79 -11.30 2.04 -10.12
N THR A 80 -10.78 2.35 -11.31
CA THR A 80 -11.56 3.03 -12.33
C THR A 80 -12.79 2.22 -12.75
N ARG A 81 -12.58 0.93 -13.00
CA ARG A 81 -13.68 0.03 -13.36
C ARG A 81 -14.74 -0.04 -12.27
N ARG A 82 -14.29 -0.15 -11.02
CA ARG A 82 -15.19 -0.27 -9.89
C ARG A 82 -15.79 1.08 -9.49
N GLY A 83 -15.30 2.15 -10.11
CA GLY A 83 -15.78 3.50 -9.83
C GLY A 83 -15.35 3.99 -8.47
N VAL A 84 -14.21 3.51 -7.98
CA VAL A 84 -13.68 3.92 -6.69
C VAL A 84 -12.68 5.07 -6.84
N ALA A 85 -12.92 6.15 -6.10
CA ALA A 85 -12.07 7.32 -6.16
C ALA A 85 -10.74 7.10 -5.43
N GLY A 86 -9.80 8.02 -5.64
CA GLY A 86 -8.49 7.92 -5.03
C GLY A 86 -7.39 7.79 -6.06
N ALA A 87 -6.15 7.88 -5.61
CA ALA A 87 -5.00 7.80 -6.50
C ALA A 87 -3.84 7.07 -5.83
N PRO A 88 -3.33 6.01 -6.48
CA PRO A 88 -2.20 5.23 -5.99
C PRO A 88 -0.94 6.05 -5.79
N ARG A 89 -0.15 5.70 -4.78
CA ARG A 89 1.10 6.41 -4.51
C ARG A 89 2.29 5.46 -4.52
N LEU A 90 3.42 5.95 -4.99
CA LEU A 90 4.68 5.24 -4.86
C LEU A 90 5.43 5.78 -3.65
N VAL A 91 5.74 4.91 -2.71
CA VAL A 91 6.46 5.34 -1.52
C VAL A 91 7.81 4.63 -1.41
N GLU A 92 8.79 5.32 -0.85
CA GLU A 92 10.13 4.78 -0.71
C GLU A 92 10.61 4.94 0.73
N VAL A 93 11.20 3.89 1.27
CA VAL A 93 11.74 3.95 2.63
C VAL A 93 13.08 4.68 2.62
N GLU A 94 13.46 5.22 3.77
CA GLU A 94 14.72 5.95 3.90
C GLU A 94 15.91 5.08 3.51
N GLU A 98 14.51 4.18 7.79
CA GLU A 98 13.16 3.71 8.10
C GLU A 98 12.98 2.23 7.82
N ASP A 99 11.88 1.67 8.32
CA ASP A 99 11.45 0.34 7.94
C ASP A 99 10.11 0.45 7.24
N VAL A 100 9.70 -0.60 6.53
CA VAL A 100 8.48 -0.59 5.73
C VAL A 100 7.24 -0.22 6.56
N ALA A 101 7.17 -0.76 7.77
CA ALA A 101 6.03 -0.53 8.65
C ALA A 101 5.88 0.96 9.00
N GLU A 102 6.98 1.59 9.36
CA GLU A 102 6.96 3.02 9.71
C GLU A 102 6.66 3.88 8.50
N ARG A 103 7.21 3.49 7.35
CA ARG A 103 6.99 4.20 6.10
C ARG A 103 5.51 4.18 5.73
N LEU A 104 4.85 3.06 6.00
CA LEU A 104 3.41 2.94 5.76
C LEU A 104 2.64 3.83 6.74
N GLU A 105 3.15 3.95 7.95
CA GLU A 105 2.53 4.81 8.96
C GLU A 105 2.72 6.28 8.61
N ARG A 106 3.90 6.61 8.07
CA ARG A 106 4.16 7.98 7.63
C ARG A 106 3.28 8.33 6.45
N ALA A 107 3.13 7.38 5.53
CA ALA A 107 2.29 7.56 4.36
C ALA A 107 0.83 7.77 4.77
N ALA A 108 0.39 7.01 5.76
CA ALA A 108 -0.97 7.11 6.27
C ALA A 108 -1.22 8.48 6.91
N ARG A 109 -0.22 8.97 7.63
CA ARG A 109 -0.32 10.29 8.28
C ARG A 109 -0.42 11.41 7.27
N GLU A 110 0.45 11.37 6.26
CA GLU A 110 0.52 12.43 5.26
C GLU A 110 -0.67 12.39 4.29
N ILE A 111 -1.14 11.19 3.97
CA ILE A 111 -2.28 11.05 3.08
C ILE A 111 -3.59 11.35 3.82
N GLY A 112 -3.61 11.03 5.11
CA GLY A 112 -4.79 11.24 5.92
C GLY A 112 -5.62 9.98 6.00
N ALA A 113 -4.97 8.84 5.80
CA ALA A 113 -5.64 7.54 5.86
C ALA A 113 -6.11 7.24 7.27
N SER A 114 -7.31 6.68 7.37
CA SER A 114 -7.86 6.29 8.67
C SER A 114 -7.88 4.76 8.79
N LEU A 115 -7.35 4.10 7.77
CA LEU A 115 -7.30 2.64 7.75
C LEU A 115 -6.19 2.14 6.84
N ILE A 116 -5.47 1.11 7.30
CA ILE A 116 -4.43 0.48 6.49
C ILE A 116 -4.79 -0.98 6.23
N VAL A 117 -4.83 -1.36 4.96
CA VAL A 117 -5.19 -2.72 4.57
C VAL A 117 -3.94 -3.47 4.11
N MET A 118 -3.74 -4.67 4.65
CA MET A 118 -2.57 -5.47 4.33
C MET A 118 -2.92 -6.92 4.03
N GLY A 119 -2.16 -7.53 3.11
CA GLY A 119 -2.29 -8.94 2.84
C GLY A 119 -1.34 -9.72 3.72
N THR A 120 -1.81 -10.84 4.28
CA THR A 120 -0.99 -11.65 5.17
C THR A 120 -1.04 -13.13 4.78
N HIS A 121 -0.39 -13.97 5.59
CA HIS A 121 -0.38 -15.40 5.36
C HIS A 121 -0.96 -16.16 6.55
N SER A 133 5.23 -10.14 9.48
CA SER A 133 6.20 -9.40 10.29
C SER A 133 5.90 -7.90 10.25
N VAL A 134 5.80 -7.36 9.04
CA VAL A 134 5.40 -5.97 8.86
C VAL A 134 3.98 -5.79 9.41
N ALA A 135 3.15 -6.80 9.21
CA ALA A 135 1.80 -6.80 9.77
C ALA A 135 1.86 -6.89 11.29
N GLU A 136 2.73 -7.75 11.80
CA GLU A 136 2.94 -7.88 13.23
C GLU A 136 3.50 -6.60 13.82
N ARG A 137 4.27 -5.87 13.02
CA ARG A 137 4.84 -4.59 13.43
C ARG A 137 3.74 -3.55 13.58
N LEU A 138 2.99 -3.33 12.50
CA LEU A 138 1.89 -2.36 12.48
C LEU A 138 0.85 -2.62 13.57
N LEU A 139 0.64 -3.89 13.89
CA LEU A 139 -0.28 -4.27 14.95
C LEU A 139 0.33 -3.96 16.31
N ARG A 140 1.60 -4.32 16.48
CA ARG A 140 2.32 -4.06 17.73
C ARG A 140 2.49 -2.56 17.96
N HIS A 141 2.61 -1.80 16.88
CA HIS A 141 2.69 -0.36 16.96
C HIS A 141 1.36 0.22 17.46
N ALA A 142 0.28 -0.20 16.80
CA ALA A 142 -1.07 0.27 17.10
C ALA A 142 -1.15 1.79 17.02
N ARG A 143 -0.67 2.33 15.92
CA ARG A 143 -0.73 3.77 15.69
C ARG A 143 -1.92 4.15 14.83
N CYS A 144 -2.53 3.14 14.21
CA CYS A 144 -3.63 3.33 13.28
C CYS A 144 -4.34 2.00 13.01
N PRO A 145 -5.65 2.05 12.76
CA PRO A 145 -6.45 0.85 12.44
C PRO A 145 -5.87 0.04 11.28
N VAL A 146 -5.74 -1.28 11.47
CA VAL A 146 -5.16 -2.15 10.46
C VAL A 146 -6.08 -3.33 10.13
N LEU A 147 -6.27 -3.58 8.84
CA LEU A 147 -7.11 -4.69 8.39
C LEU A 147 -6.27 -5.77 7.72
N MET A 148 -6.25 -6.96 8.32
CA MET A 148 -5.47 -8.07 7.80
C MET A 148 -6.30 -8.99 6.90
N ILE A 149 -5.88 -9.17 5.66
CA ILE A 149 -6.53 -10.14 4.79
C ILE A 149 -5.57 -11.28 4.48
N PRO A 150 -5.89 -12.48 4.99
CA PRO A 150 -5.14 -13.71 4.72
C PRO A 150 -5.27 -14.14 3.26
N ALA A 151 -4.31 -14.90 2.76
CA ALA A 151 -4.32 -15.35 1.37
C ALA A 151 -5.47 -16.31 1.10
#